data_3L4Q
#
_entry.id   3L4Q
#
_cell.length_a   57.950
_cell.length_b   98.670
_cell.length_c   149.940
_cell.angle_alpha   90.00
_cell.angle_beta   90.00
_cell.angle_gamma   90.00
#
_symmetry.space_group_name_H-M   'P 21 21 21'
#
loop_
_entity.id
_entity.type
_entity.pdbx_description
1 polymer 'Non-structural protein 1'
2 polymer 'Phosphatidylinositol 3-kinase regulatory subunit beta'
3 non-polymer GLYCEROL
4 water water
#
loop_
_entity_poly.entity_id
_entity_poly.type
_entity_poly.pdbx_seq_one_letter_code
_entity_poly.pdbx_strand_id
1 'polypeptide(L)'
;HHHHHHSDEALKMTMASVPASRYLTDMTLEEMSRDWSMLIPKQKVAGPLCIRMDQAIMDKNIILKANFSVIFDRLETLIL
LRAFTEEGAIVGEISPLPSLPGHTAEDVKNAVGVLIGGLEWNDNTVRVSETLQRFAWRSSNENGRPPLTPKQKREMAGTI
RSEV
;
A,B
2 'polypeptide(L)'
;YQQDQIVKEDSVEAVGAQLKVYHQQYQDKSREYDQLYEEYTRTSQELQMKRTAIEAFNETIKIFEEQGQTQEKSSKEYLE
RFRREGNEKEMQRILLNSERLKSRIAEIHESRTKLEQELRAQASDNREIDKRMNSLKPDLMQLRKIRDQYLVWLTQKGAR
QKKINEWLGI
;
C,D
#
loop_
_chem_comp.id
_chem_comp.type
_chem_comp.name
_chem_comp.formula
GOL non-polymer GLYCEROL 'C3 H8 O3'
#
# COMPACT_ATOMS: atom_id res chain seq x y z
N SER A 17 -8.48 0.14 7.21
CA SER A 17 -7.96 1.43 7.78
C SER A 17 -7.59 2.43 6.65
N VAL A 18 -6.28 2.66 6.42
CA VAL A 18 -5.78 3.55 5.34
C VAL A 18 -5.40 2.71 4.09
N PRO A 19 -6.02 2.95 2.95
CA PRO A 19 -5.72 2.13 1.76
C PRO A 19 -4.31 2.32 1.29
N ALA A 20 -3.86 3.56 1.25
CA ALA A 20 -2.56 3.91 0.66
C ALA A 20 -2.55 3.47 -0.87
N SER A 21 -3.77 3.38 -1.45
CA SER A 21 -4.02 3.69 -2.84
C SER A 21 -5.49 4.08 -3.08
N ARG A 22 -5.70 5.26 -3.68
CA ARG A 22 -7.01 5.66 -4.12
C ARG A 22 -6.94 6.56 -5.36
N TYR A 23 -8.02 6.56 -6.09
CA TYR A 23 -8.17 7.52 -7.16
C TYR A 23 -9.38 8.41 -6.80
N LEU A 24 -9.08 9.68 -6.47
CA LEU A 24 -10.08 10.69 -6.12
C LEU A 24 -10.55 11.45 -7.35
N THR A 25 -11.85 11.46 -7.59
CA THR A 25 -12.37 12.20 -8.70
C THR A 25 -13.42 13.27 -8.33
N ASP A 26 -13.05 14.56 -8.34
CA ASP A 26 -14.06 15.61 -8.06
C ASP A 26 -14.92 15.84 -9.28
N MET A 27 -14.42 15.54 -10.45
CA MET A 27 -15.15 15.88 -11.63
C MET A 27 -15.81 14.64 -12.25
N THR A 28 -17.00 14.85 -12.85
CA THR A 28 -17.60 13.87 -13.76
C THR A 28 -16.84 13.83 -15.05
N LEU A 29 -17.08 12.79 -15.84
CA LEU A 29 -16.56 12.71 -17.21
C LEU A 29 -17.00 13.90 -18.06
N GLU A 30 -18.22 14.37 -17.85
CA GLU A 30 -18.78 15.48 -18.61
C GLU A 30 -17.94 16.76 -18.35
N GLU A 31 -17.68 17.06 -17.10
CA GLU A 31 -16.77 18.12 -16.71
C GLU A 31 -15.38 17.97 -17.26
N MET A 32 -14.84 16.76 -17.19
CA MET A 32 -13.51 16.59 -17.70
C MET A 32 -13.41 16.85 -19.22
N SER A 33 -14.46 16.47 -19.94
CA SER A 33 -14.36 16.44 -21.34
C SER A 33 -15.00 17.70 -21.97
N ARG A 34 -15.72 18.49 -21.21
CA ARG A 34 -16.40 19.62 -21.78
C ARG A 34 -15.48 20.60 -22.52
N ASP A 35 -15.99 21.10 -23.62
CA ASP A 35 -15.33 22.12 -24.44
C ASP A 35 -15.41 23.46 -23.71
N TRP A 36 -14.29 24.17 -23.64
CA TRP A 36 -14.31 25.55 -23.04
C TRP A 36 -13.31 26.45 -23.76
N SER A 37 -13.47 27.75 -23.55
CA SER A 37 -12.73 28.76 -24.29
C SER A 37 -12.34 29.85 -23.31
N MET A 38 -11.18 30.44 -23.51
CA MET A 38 -10.80 31.61 -22.74
C MET A 38 -10.98 32.87 -23.63
N LEU A 39 -11.78 33.83 -23.17
CA LEU A 39 -11.86 35.16 -23.88
C LEU A 39 -10.51 35.85 -23.97
N ILE A 40 -9.73 35.81 -22.90
CA ILE A 40 -8.33 36.35 -22.92
C ILE A 40 -7.29 35.27 -22.46
N PRO A 41 -6.79 34.49 -23.40
CA PRO A 41 -6.02 33.31 -22.96
C PRO A 41 -4.76 33.67 -22.21
N LYS A 42 -4.55 33.02 -21.06
CA LYS A 42 -3.29 33.01 -20.33
C LYS A 42 -2.87 31.53 -20.13
N GLN A 43 -1.65 31.20 -20.51
CA GLN A 43 -1.14 29.84 -20.56
C GLN A 43 0.32 29.85 -20.17
N LYS A 44 0.73 28.88 -19.40
CA LYS A 44 2.08 28.81 -18.89
C LYS A 44 2.43 27.31 -18.72
N VAL A 45 3.59 26.92 -19.22
CA VAL A 45 4.12 25.57 -19.02
C VAL A 45 4.85 25.55 -17.71
N ALA A 46 4.45 24.65 -16.81
CA ALA A 46 4.97 24.56 -15.48
C ALA A 46 5.53 23.16 -15.39
N GLY A 47 6.78 23.06 -15.83
CA GLY A 47 7.52 21.81 -15.83
C GLY A 47 6.88 20.88 -16.83
N PRO A 48 6.40 19.75 -16.32
CA PRO A 48 5.60 18.83 -17.12
C PRO A 48 4.13 19.25 -17.18
N LEU A 49 3.69 20.21 -16.36
CA LEU A 49 2.27 20.56 -16.45
C LEU A 49 2.00 21.80 -17.28
N CYS A 50 0.78 21.90 -17.78
CA CYS A 50 0.28 23.06 -18.45
C CYS A 50 -0.81 23.72 -17.56
N ILE A 51 -0.70 25.05 -17.39
CA ILE A 51 -1.66 25.88 -16.63
C ILE A 51 -2.31 26.84 -17.60
N ARG A 52 -3.64 26.90 -17.53
CA ARG A 52 -4.39 27.72 -18.42
C ARG A 52 -5.36 28.53 -17.54
N MET A 53 -5.57 29.83 -17.87
CA MET A 53 -6.59 30.65 -17.20
C MET A 53 -7.12 31.77 -18.07
N ASP A 54 -8.43 32.02 -17.99
CA ASP A 54 -9.02 33.12 -18.74
C ASP A 54 -8.65 34.42 -18.00
N GLN A 55 -7.85 35.24 -18.64
CA GLN A 55 -7.49 36.53 -18.06
C GLN A 55 -8.74 37.45 -17.91
N ALA A 56 -9.84 37.14 -18.56
CA ALA A 56 -11.04 37.98 -18.46
C ALA A 56 -11.99 37.70 -17.30
N ILE A 57 -11.75 36.69 -16.47
CA ILE A 57 -12.65 36.41 -15.37
C ILE A 57 -12.18 37.21 -14.14
N MET A 58 -13.10 37.84 -13.42
CA MET A 58 -12.79 38.91 -12.39
C MET A 58 -13.86 38.94 -11.35
N ASP A 59 -13.51 39.14 -10.08
CA ASP A 59 -14.51 39.27 -9.01
C ASP A 59 -15.49 38.11 -8.89
N LYS A 60 -15.07 36.91 -9.30
CA LYS A 60 -15.89 35.72 -9.07
C LYS A 60 -15.40 34.88 -7.90
N ASN A 61 -16.29 34.00 -7.43
CA ASN A 61 -15.93 32.91 -6.54
C ASN A 61 -15.62 31.73 -7.41
N ILE A 62 -14.41 31.19 -7.26
CA ILE A 62 -13.99 30.05 -8.10
C ILE A 62 -13.69 28.80 -7.28
N ILE A 63 -14.10 27.63 -7.79
CA ILE A 63 -13.78 26.35 -7.10
C ILE A 63 -12.83 25.47 -7.98
N LEU A 64 -11.68 25.07 -7.43
CA LEU A 64 -10.73 24.19 -8.16
C LEU A 64 -11.11 22.76 -7.89
N LYS A 65 -11.44 22.01 -8.92
CA LYS A 65 -11.76 20.59 -8.70
C LYS A 65 -10.78 19.72 -9.40
N ALA A 66 -10.44 18.59 -8.84
CA ALA A 66 -9.42 17.73 -9.44
C ALA A 66 -9.72 16.21 -9.40
N ASN A 67 -9.08 15.48 -10.31
CA ASN A 67 -9.01 14.04 -10.34
C ASN A 67 -7.54 13.66 -10.20
N PHE A 68 -7.24 12.79 -9.25
CA PHE A 68 -5.86 12.53 -8.94
C PHE A 68 -5.80 11.31 -8.06
N SER A 69 -4.64 10.69 -8.07
CA SER A 69 -4.46 9.56 -7.24
C SER A 69 -3.62 9.85 -6.05
N VAL A 70 -3.74 9.00 -5.05
CA VAL A 70 -2.89 9.09 -3.86
C VAL A 70 -2.28 7.73 -3.52
N ILE A 71 -1.09 7.80 -2.93
CA ILE A 71 -0.46 6.66 -2.33
C ILE A 71 0.07 7.18 -1.02
N PHE A 72 0.14 6.32 -0.02
CA PHE A 72 0.40 6.74 1.34
C PHE A 72 -0.84 7.59 1.73
N ASP A 73 -0.62 8.75 2.34
CA ASP A 73 -1.71 9.68 2.52
C ASP A 73 -1.45 10.88 1.62
N ARG A 74 -0.62 10.66 0.60
CA ARG A 74 -0.05 11.76 -0.16
C ARG A 74 -0.51 11.81 -1.63
N LEU A 75 -0.68 13.02 -2.22
CA LEU A 75 -0.94 13.14 -3.66
C LEU A 75 0.20 12.47 -4.43
N GLU A 76 -0.15 11.75 -5.47
CA GLU A 76 0.86 11.06 -6.24
C GLU A 76 0.90 11.64 -7.64
N THR A 77 -0.24 11.64 -8.31
CA THR A 77 -0.33 11.93 -9.74
C THR A 77 -1.55 12.77 -9.93
N LEU A 78 -1.38 13.90 -10.64
CA LEU A 78 -2.61 14.57 -11.10
C LEU A 78 -3.12 13.99 -12.43
N ILE A 79 -4.40 13.77 -12.52
CA ILE A 79 -4.95 13.45 -13.80
C ILE A 79 -5.50 14.66 -14.49
N LEU A 80 -6.19 15.54 -13.75
CA LEU A 80 -6.78 16.77 -14.31
C LEU A 80 -7.34 17.73 -13.19
N LEU A 81 -7.12 19.04 -13.33
CA LEU A 81 -7.71 20.00 -12.37
C LEU A 81 -8.37 21.08 -13.24
N ARG A 82 -9.64 21.39 -12.99
CA ARG A 82 -10.35 22.49 -13.70
C ARG A 82 -10.92 23.46 -12.66
N ALA A 83 -10.99 24.75 -13.08
CA ALA A 83 -11.44 25.86 -12.18
C ALA A 83 -12.80 26.19 -12.63
N PHE A 84 -13.74 26.12 -11.72
CA PHE A 84 -15.17 26.37 -12.09
C PHE A 84 -15.69 27.63 -11.34
N THR A 85 -16.54 28.41 -11.99
CA THR A 85 -17.23 29.52 -11.30
C THR A 85 -18.44 28.92 -10.62
N GLU A 86 -19.07 29.71 -9.75
CA GLU A 86 -20.23 29.25 -9.01
C GLU A 86 -21.35 28.80 -9.94
N GLU A 87 -21.38 29.35 -11.15
CA GLU A 87 -22.40 29.00 -12.12
C GLU A 87 -22.02 27.80 -12.96
N GLY A 88 -20.91 27.13 -12.61
CA GLY A 88 -20.45 25.94 -13.31
C GLY A 88 -19.62 26.17 -14.54
N ALA A 89 -19.08 27.37 -14.78
CA ALA A 89 -18.32 27.54 -16.02
C ALA A 89 -16.83 27.33 -15.73
N ILE A 90 -16.13 26.82 -16.74
CA ILE A 90 -14.75 26.48 -16.67
C ILE A 90 -13.91 27.65 -17.03
N VAL A 91 -13.02 28.06 -16.16
CA VAL A 91 -12.20 29.21 -16.50
C VAL A 91 -10.71 29.02 -16.32
N GLY A 92 -10.29 27.82 -15.93
CA GLY A 92 -8.88 27.47 -15.87
C GLY A 92 -8.68 25.93 -15.74
N GLU A 93 -7.43 25.50 -15.91
CA GLU A 93 -7.12 24.13 -15.93
C GLU A 93 -5.70 23.93 -15.66
N ILE A 94 -5.42 22.85 -14.91
CA ILE A 94 -4.08 22.30 -14.90
C ILE A 94 -4.06 20.86 -15.48
N SER A 95 -3.18 20.61 -16.42
CA SER A 95 -3.13 19.29 -17.02
C SER A 95 -1.70 18.87 -17.39
N PRO A 96 -1.45 17.54 -17.36
CA PRO A 96 -0.15 16.94 -17.81
C PRO A 96 0.01 17.23 -19.28
N LEU A 97 1.20 17.48 -19.72
CA LEU A 97 1.44 17.67 -21.15
C LEU A 97 1.41 16.31 -21.88
N PRO A 98 0.62 16.20 -22.93
CA PRO A 98 0.46 14.87 -23.57
C PRO A 98 1.80 14.39 -24.12
N SER A 99 2.60 15.28 -24.63
CA SER A 99 3.89 14.77 -25.12
C SER A 99 4.57 13.73 -24.16
N LEU A 100 4.65 14.10 -22.89
CA LEU A 100 5.83 13.89 -22.09
C LEU A 100 5.66 12.91 -20.94
N PRO A 101 6.79 12.43 -20.39
CA PRO A 101 6.71 11.54 -19.25
C PRO A 101 6.22 12.38 -18.05
N GLY A 102 5.99 11.78 -16.92
CA GLY A 102 5.03 12.38 -16.00
C GLY A 102 5.56 13.49 -15.13
N HIS A 103 5.05 13.52 -13.90
CA HIS A 103 5.35 14.59 -12.96
C HIS A 103 5.33 14.02 -11.56
N THR A 104 5.82 14.81 -10.59
CA THR A 104 5.66 14.44 -9.17
C THR A 104 4.62 15.33 -8.50
N ALA A 105 4.19 14.90 -7.32
CA ALA A 105 3.33 15.60 -6.38
C ALA A 105 3.76 17.05 -6.18
N GLU A 106 5.04 17.32 -6.16
CA GLU A 106 5.50 18.69 -6.01
C GLU A 106 5.26 19.64 -7.18
N ASP A 107 5.35 19.13 -8.41
CA ASP A 107 5.04 19.92 -9.56
C ASP A 107 3.56 20.32 -9.42
N VAL A 108 2.80 19.39 -8.89
CA VAL A 108 1.40 19.56 -8.78
C VAL A 108 1.10 20.67 -7.77
N LYS A 109 1.69 20.62 -6.57
CA LYS A 109 1.45 21.63 -5.58
C LYS A 109 1.88 22.99 -6.11
N ASN A 110 2.97 23.05 -6.88
CA ASN A 110 3.43 24.35 -7.42
C ASN A 110 2.53 24.86 -8.50
N ALA A 111 2.07 23.97 -9.40
CA ALA A 111 1.14 24.44 -10.42
C ALA A 111 -0.15 25.05 -9.77
N VAL A 112 -0.68 24.43 -8.74
CA VAL A 112 -1.86 24.94 -8.05
C VAL A 112 -1.67 26.37 -7.44
N GLY A 113 -0.57 26.60 -6.72
CA GLY A 113 -0.22 27.86 -6.19
C GLY A 113 -0.14 28.86 -7.28
N VAL A 114 0.50 28.49 -8.37
CA VAL A 114 0.62 29.42 -9.50
C VAL A 114 -0.78 29.77 -10.04
N LEU A 115 -1.72 28.80 -10.08
CA LEU A 115 -3.03 29.12 -10.66
C LEU A 115 -3.91 29.99 -9.71
N ILE A 116 -3.91 29.67 -8.44
CA ILE A 116 -4.65 30.37 -7.43
C ILE A 116 -4.24 31.87 -7.42
N GLY A 117 -2.94 32.11 -7.58
CA GLY A 117 -2.33 33.36 -7.61
C GLY A 117 -2.76 34.16 -8.80
N GLY A 118 -2.76 33.48 -9.96
CA GLY A 118 -3.17 34.12 -11.20
C GLY A 118 -4.62 34.58 -11.11
N LEU A 119 -5.50 33.74 -10.54
CA LEU A 119 -6.91 34.07 -10.45
C LEU A 119 -7.18 35.23 -9.36
N GLU A 120 -6.40 35.21 -8.26
CA GLU A 120 -6.43 36.25 -7.24
C GLU A 120 -5.94 37.62 -7.72
N TRP A 121 -5.06 37.65 -8.71
CA TRP A 121 -4.58 38.89 -9.27
C TRP A 121 -5.76 39.68 -9.84
N ASN A 122 -6.81 38.95 -10.22
CA ASN A 122 -7.97 39.49 -10.86
C ASN A 122 -9.12 39.39 -9.89
N ASP A 123 -8.84 39.40 -8.61
CA ASP A 123 -9.90 39.67 -7.67
C ASP A 123 -10.93 38.57 -7.58
N ASN A 124 -10.57 37.38 -8.08
CA ASN A 124 -11.36 36.18 -7.81
C ASN A 124 -11.12 35.64 -6.45
N THR A 125 -12.15 35.11 -5.83
CA THR A 125 -11.93 34.43 -4.55
C THR A 125 -11.80 32.93 -4.89
N VAL A 126 -10.66 32.36 -4.50
CA VAL A 126 -10.39 30.97 -4.94
C VAL A 126 -10.42 29.92 -3.84
N ARG A 127 -11.32 28.98 -3.97
CA ARG A 127 -11.32 27.81 -3.08
C ARG A 127 -10.85 26.53 -3.81
N VAL A 128 -10.30 25.60 -3.07
CA VAL A 128 -10.02 24.26 -3.62
C VAL A 128 -10.98 23.27 -3.04
N SER A 129 -11.16 22.13 -3.73
CA SER A 129 -11.99 21.02 -3.20
C SER A 129 -11.49 20.48 -1.86
N GLU A 130 -12.34 19.74 -1.18
CA GLU A 130 -11.99 19.04 0.06
C GLU A 130 -10.94 17.95 -0.18
N THR A 131 -11.13 17.14 -1.22
CA THR A 131 -10.11 16.11 -1.53
C THR A 131 -8.73 16.78 -1.68
N LEU A 132 -8.67 17.88 -2.42
CA LEU A 132 -7.48 18.71 -2.51
C LEU A 132 -6.98 19.22 -1.15
N GLN A 133 -7.85 19.85 -0.35
CA GLN A 133 -7.46 20.29 1.02
C GLN A 133 -6.71 19.14 1.68
N ARG A 134 -7.39 18.00 1.79
CA ARG A 134 -6.88 16.82 2.44
C ARG A 134 -5.51 16.31 1.98
N PHE A 135 -5.29 16.15 0.67
CA PHE A 135 -4.02 15.50 0.20
C PHE A 135 -2.97 16.38 -0.43
N ALA A 136 -3.40 17.55 -0.91
CA ALA A 136 -2.55 18.37 -1.79
C ALA A 136 -2.10 19.66 -1.15
N LYS B 8 -0.19 14.59 -36.00
CA LYS B 8 -0.80 13.47 -36.78
C LYS B 8 -2.20 13.03 -36.30
N GLU B 9 -3.04 12.73 -37.28
CA GLU B 9 -4.43 12.35 -37.04
C GLU B 9 -4.55 10.83 -36.79
N ASP B 10 -3.43 10.13 -36.96
CA ASP B 10 -3.32 8.68 -36.75
C ASP B 10 -2.98 8.33 -35.29
N SER B 11 -2.07 9.09 -34.70
CA SER B 11 -1.81 8.94 -33.30
C SER B 11 -3.06 9.31 -32.54
N VAL B 12 -3.82 10.30 -32.97
CA VAL B 12 -5.03 10.62 -32.27
C VAL B 12 -6.10 9.54 -32.33
N GLU B 13 -6.25 8.86 -33.45
CA GLU B 13 -7.26 7.80 -33.53
C GLU B 13 -6.83 6.55 -32.80
N ALA B 14 -5.55 6.28 -32.76
CA ALA B 14 -5.02 5.18 -32.00
C ALA B 14 -5.28 5.33 -30.47
N VAL B 15 -5.08 6.53 -29.96
CA VAL B 15 -5.33 6.78 -28.55
C VAL B 15 -6.82 6.68 -28.30
N GLY B 16 -7.56 7.24 -29.24
CA GLY B 16 -9.03 7.22 -29.15
C GLY B 16 -9.53 5.80 -29.10
N ALA B 17 -8.87 4.91 -29.85
CA ALA B 17 -9.31 3.51 -29.96
C ALA B 17 -8.90 2.88 -28.67
N GLN B 18 -7.77 3.30 -28.16
CA GLN B 18 -7.30 2.71 -26.93
C GLN B 18 -8.19 3.17 -25.74
N LEU B 19 -8.59 4.47 -25.74
CA LEU B 19 -9.61 4.93 -24.81
C LEU B 19 -10.83 4.02 -24.88
N LYS B 20 -11.30 3.73 -26.09
CA LYS B 20 -12.50 2.90 -26.25
C LYS B 20 -12.29 1.54 -25.55
N VAL B 21 -11.13 0.95 -25.76
CA VAL B 21 -10.85 -0.32 -25.10
C VAL B 21 -10.93 -0.19 -23.57
N TYR B 22 -10.29 0.83 -22.99
CA TYR B 22 -10.26 0.89 -21.50
C TYR B 22 -11.63 1.17 -20.87
N HIS B 23 -12.44 1.93 -21.59
CA HIS B 23 -13.74 2.31 -21.10
C HIS B 23 -14.70 1.11 -21.06
N GLN B 24 -14.66 0.32 -22.10
CA GLN B 24 -15.43 -0.95 -22.13
C GLN B 24 -14.96 -1.88 -21.02
N GLN B 25 -13.64 -2.01 -20.86
CA GLN B 25 -13.15 -2.83 -19.77
C GLN B 25 -13.66 -2.28 -18.48
N TYR B 26 -13.60 -0.95 -18.30
CA TYR B 26 -14.05 -0.42 -17.04
C TYR B 26 -15.55 -0.61 -16.90
N GLN B 27 -16.32 -0.45 -17.97
CA GLN B 27 -17.75 -0.63 -17.79
C GLN B 27 -18.02 -2.07 -17.37
N ASP B 28 -17.33 -3.02 -18.01
CA ASP B 28 -17.45 -4.43 -17.66
C ASP B 28 -17.05 -4.78 -16.23
N LYS B 29 -15.88 -4.34 -15.75
CA LYS B 29 -15.51 -4.61 -14.36
C LYS B 29 -16.51 -4.00 -13.42
N SER B 30 -17.05 -2.87 -13.82
CA SER B 30 -17.92 -2.10 -12.97
C SER B 30 -19.28 -2.79 -12.86
N ARG B 31 -19.70 -3.46 -13.92
CA ARG B 31 -20.96 -4.20 -13.89
C ARG B 31 -20.76 -5.46 -13.06
N GLU B 32 -19.68 -6.19 -13.33
CA GLU B 32 -19.29 -7.27 -12.46
C GLU B 32 -19.29 -6.87 -10.97
N TYR B 33 -18.70 -5.72 -10.67
CA TYR B 33 -18.66 -5.29 -9.26
C TYR B 33 -20.05 -5.14 -8.67
N ASP B 34 -20.94 -4.45 -9.38
CA ASP B 34 -22.29 -4.12 -8.86
C ASP B 34 -23.21 -5.34 -8.70
N GLN B 35 -23.03 -6.34 -9.55
CA GLN B 35 -23.71 -7.63 -9.47
C GLN B 35 -23.43 -8.23 -8.07
N LEU B 36 -22.14 -8.33 -7.77
CA LEU B 36 -21.65 -8.78 -6.47
C LEU B 36 -22.27 -7.94 -5.37
N TYR B 37 -22.26 -6.61 -5.54
CA TYR B 37 -22.75 -5.70 -4.45
C TYR B 37 -24.22 -6.01 -4.13
N GLU B 38 -25.00 -6.26 -5.18
CA GLU B 38 -26.42 -6.54 -5.09
C GLU B 38 -26.67 -7.92 -4.46
N GLU B 39 -25.98 -8.96 -4.92
CA GLU B 39 -26.02 -10.27 -4.24
C GLU B 39 -25.62 -10.08 -2.75
N TYR B 40 -24.58 -9.31 -2.48
CA TYR B 40 -24.16 -9.09 -1.09
C TYR B 40 -25.26 -8.50 -0.21
N THR B 41 -25.81 -7.36 -0.63
CA THR B 41 -26.84 -6.68 0.14
C THR B 41 -28.07 -7.54 0.30
N ARG B 42 -28.38 -8.36 -0.69
CA ARG B 42 -29.51 -9.27 -0.61
C ARG B 42 -29.34 -10.38 0.46
N THR B 43 -28.28 -11.20 0.35
CA THR B 43 -28.09 -12.23 1.32
C THR B 43 -27.95 -11.57 2.70
N SER B 44 -27.47 -10.33 2.74
CA SER B 44 -27.32 -9.61 4.00
C SER B 44 -28.62 -9.36 4.75
N GLN B 45 -29.70 -9.15 4.00
CA GLN B 45 -31.05 -9.02 4.54
C GLN B 45 -31.59 -10.37 5.00
N GLU B 46 -31.47 -11.38 4.12
CA GLU B 46 -31.78 -12.80 4.44
C GLU B 46 -31.12 -13.22 5.77
N LEU B 47 -29.85 -12.85 5.96
CA LEU B 47 -29.13 -13.16 7.19
C LEU B 47 -29.83 -12.51 8.36
N GLN B 48 -30.32 -11.30 8.11
CA GLN B 48 -31.04 -10.54 9.12
C GLN B 48 -32.35 -11.23 9.51
N MET B 49 -33.06 -11.76 8.52
CA MET B 49 -34.25 -12.57 8.79
C MET B 49 -33.91 -13.87 9.52
N LYS B 50 -32.81 -14.52 9.18
CA LYS B 50 -32.45 -15.71 9.92
C LYS B 50 -32.12 -15.44 11.39
N ARG B 51 -31.34 -14.39 11.63
CA ARG B 51 -30.90 -14.03 12.98
C ARG B 51 -32.13 -13.75 13.85
N THR B 52 -33.06 -12.97 13.31
CA THR B 52 -34.33 -12.71 13.91
C THR B 52 -35.13 -13.99 14.28
N ALA B 53 -35.34 -14.89 13.32
CA ALA B 53 -35.92 -16.19 13.66
C ALA B 53 -35.14 -16.95 14.75
N ILE B 54 -33.80 -16.85 14.76
CA ILE B 54 -33.01 -17.55 15.79
C ILE B 54 -33.29 -16.96 17.14
N GLU B 55 -33.34 -15.62 17.19
CA GLU B 55 -33.78 -14.90 18.41
C GLU B 55 -35.11 -15.39 18.92
N ALA B 56 -36.07 -15.66 18.04
CA ALA B 56 -37.35 -16.28 18.48
C ALA B 56 -37.19 -17.72 18.98
N PHE B 57 -36.41 -18.53 18.27
CA PHE B 57 -36.02 -19.81 18.85
C PHE B 57 -35.46 -19.62 20.28
N ASN B 58 -34.60 -18.64 20.48
CA ASN B 58 -33.89 -18.46 21.76
C ASN B 58 -34.82 -18.24 22.98
N GLU B 59 -35.85 -17.43 22.80
CA GLU B 59 -36.73 -17.10 23.92
C GLU B 59 -37.66 -18.26 24.31
N THR B 60 -38.21 -18.98 23.32
CA THR B 60 -38.92 -20.23 23.57
C THR B 60 -38.04 -21.24 24.32
N ILE B 61 -36.87 -21.57 23.75
CA ILE B 61 -35.90 -22.43 24.42
C ILE B 61 -35.62 -21.99 25.89
N LYS B 62 -35.43 -20.69 26.10
CA LYS B 62 -35.29 -20.11 27.42
C LYS B 62 -36.43 -20.59 28.33
N ILE B 63 -37.66 -20.28 27.94
CA ILE B 63 -38.84 -20.70 28.67
C ILE B 63 -38.73 -22.20 29.03
N PHE B 64 -38.48 -23.06 28.04
CA PHE B 64 -38.46 -24.51 28.24
C PHE B 64 -37.37 -24.93 29.19
N GLU B 65 -36.19 -24.32 29.06
CA GLU B 65 -35.08 -24.62 29.96
C GLU B 65 -35.39 -24.21 31.42
N GLU B 66 -36.02 -23.07 31.62
CA GLU B 66 -36.32 -22.61 32.97
C GLU B 66 -37.62 -23.21 33.54
N GLN B 67 -38.05 -24.29 32.90
CA GLN B 67 -39.24 -25.04 33.29
C GLN B 67 -38.79 -26.45 33.65
N GLY B 68 -37.87 -26.98 32.84
CA GLY B 68 -37.20 -28.24 33.16
C GLY B 68 -36.43 -28.16 34.46
N GLN B 69 -35.72 -27.04 34.65
CA GLN B 69 -34.99 -26.75 35.88
C GLN B 69 -35.97 -26.46 37.04
N THR B 70 -37.23 -26.18 36.70
CA THR B 70 -38.28 -25.89 37.67
C THR B 70 -39.08 -27.16 38.01
N GLN B 71 -39.03 -28.15 37.11
CA GLN B 71 -39.72 -29.43 37.33
C GLN B 71 -38.79 -30.53 37.86
N GLU B 72 -37.51 -30.22 38.02
CA GLU B 72 -36.55 -31.15 38.63
C GLU B 72 -35.98 -30.56 39.93
N LYS B 73 -36.39 -29.33 40.22
CA LYS B 73 -36.02 -28.63 41.46
C LYS B 73 -37.02 -28.96 42.55
N SER B 74 -38.14 -29.54 42.15
CA SER B 74 -39.17 -30.05 43.07
C SER B 74 -39.30 -31.57 42.97
N SER B 75 -38.80 -32.16 41.89
CA SER B 75 -38.84 -33.61 41.71
C SER B 75 -37.71 -34.32 42.47
N LYS B 76 -36.81 -33.56 43.09
CA LYS B 76 -35.78 -34.12 43.97
C LYS B 76 -36.28 -34.24 45.42
N GLU B 77 -37.00 -33.21 45.88
CA GLU B 77 -37.58 -33.18 47.22
C GLU B 77 -38.81 -34.11 47.35
N TYR B 78 -39.42 -34.43 46.21
CA TYR B 78 -40.60 -35.29 46.16
C TYR B 78 -40.25 -36.70 45.70
N LEU B 79 -38.96 -36.98 45.75
CA LEU B 79 -38.43 -38.32 45.83
C LEU B 79 -37.98 -38.58 47.28
N GLU B 80 -38.56 -37.81 48.21
CA GLU B 80 -38.32 -37.95 49.66
C GLU B 80 -39.59 -38.35 50.42
N ARG B 81 -40.74 -38.16 49.76
CA ARG B 81 -42.04 -38.71 50.21
C ARG B 81 -42.27 -40.05 49.49
N PHE B 82 -41.78 -40.13 48.26
CA PHE B 82 -41.91 -41.33 47.41
C PHE B 82 -40.65 -42.21 47.45
N ARG B 83 -39.67 -41.81 48.26
CA ARG B 83 -38.50 -42.65 48.55
C ARG B 83 -38.92 -44.05 48.99
N ARG B 84 -39.73 -44.11 50.04
CA ARG B 84 -40.19 -45.39 50.61
C ARG B 84 -41.30 -46.03 49.78
N GLU B 85 -40.95 -47.07 49.02
CA GLU B 85 -41.90 -47.75 48.12
C GLU B 85 -41.66 -49.29 48.01
N GLY B 86 -41.15 -49.79 46.88
CA GLY B 86 -40.85 -49.03 45.67
C GLY B 86 -41.58 -49.57 44.46
N ASN B 87 -42.70 -48.92 44.10
CA ASN B 87 -43.48 -49.28 42.90
C ASN B 87 -42.60 -49.34 41.66
N GLU B 88 -42.97 -50.21 40.71
CA GLU B 88 -42.22 -50.32 39.46
C GLU B 88 -43.14 -50.22 38.23
N LYS B 89 -44.43 -49.97 38.48
CA LYS B 89 -45.36 -49.57 37.43
C LYS B 89 -45.75 -48.08 37.63
N GLU B 90 -45.54 -47.59 38.85
CA GLU B 90 -45.85 -46.20 39.22
C GLU B 90 -44.62 -45.31 39.51
N MET B 91 -43.58 -45.91 40.11
CA MET B 91 -42.34 -45.17 40.45
C MET B 91 -41.45 -44.93 39.22
N GLN B 92 -41.42 -45.90 38.30
CA GLN B 92 -40.74 -45.77 37.00
C GLN B 92 -41.45 -44.77 36.06
N ARG B 93 -42.62 -44.29 36.49
CA ARG B 93 -43.47 -43.43 35.65
C ARG B 93 -43.31 -41.93 35.92
N ILE B 94 -42.83 -41.56 37.11
CA ILE B 94 -42.78 -40.14 37.50
C ILE B 94 -41.48 -39.43 37.06
N LEU B 95 -40.53 -40.18 36.50
CA LEU B 95 -39.39 -39.56 35.83
C LEU B 95 -39.57 -39.68 34.31
N LEU B 96 -40.68 -40.27 33.88
CA LEU B 96 -40.96 -40.42 32.46
C LEU B 96 -41.39 -39.10 31.82
N ASN B 97 -42.02 -38.23 32.61
CA ASN B 97 -42.34 -36.87 32.16
C ASN B 97 -41.15 -35.92 32.32
N SER B 98 -40.07 -36.45 32.88
CA SER B 98 -38.77 -35.81 32.91
C SER B 98 -38.06 -36.11 31.58
N GLU B 99 -38.33 -37.30 31.03
CA GLU B 99 -37.86 -37.72 29.71
C GLU B 99 -38.69 -37.03 28.59
N ARG B 100 -39.94 -36.70 28.89
CA ARG B 100 -40.79 -35.99 27.92
C ARG B 100 -40.25 -34.59 27.72
N LEU B 101 -39.73 -34.04 28.81
CA LEU B 101 -39.26 -32.67 28.85
C LEU B 101 -37.84 -32.55 28.30
N LYS B 102 -37.04 -33.59 28.50
CA LYS B 102 -35.67 -33.58 28.01
C LYS B 102 -35.65 -33.77 26.49
N SER B 103 -36.41 -34.74 25.99
CA SER B 103 -36.54 -34.99 24.56
C SER B 103 -37.04 -33.78 23.77
N ARG B 104 -37.62 -32.81 24.48
CA ARG B 104 -38.35 -31.67 23.91
C ARG B 104 -37.49 -30.42 23.89
N ILE B 105 -36.65 -30.28 24.90
CA ILE B 105 -35.58 -29.31 24.84
C ILE B 105 -34.55 -29.78 23.78
N ALA B 106 -34.14 -31.05 23.86
CA ALA B 106 -33.23 -31.58 22.86
C ALA B 106 -33.71 -31.28 21.43
N GLU B 107 -35.00 -31.55 21.17
CA GLU B 107 -35.55 -31.44 19.82
C GLU B 107 -35.51 -30.03 19.25
N ILE B 108 -35.76 -29.06 20.09
CA ILE B 108 -35.77 -27.69 19.66
C ILE B 108 -34.32 -27.15 19.54
N HIS B 109 -33.42 -27.66 20.41
CA HIS B 109 -31.96 -27.49 20.26
C HIS B 109 -31.50 -27.98 18.88
N GLU B 110 -31.94 -29.17 18.51
CA GLU B 110 -31.59 -29.70 17.22
C GLU B 110 -32.04 -28.69 16.15
N SER B 111 -33.28 -28.18 16.28
CA SER B 111 -33.81 -27.23 15.33
C SER B 111 -33.13 -25.88 15.40
N ARG B 112 -32.82 -25.34 16.57
CA ARG B 112 -32.05 -24.11 16.59
C ARG B 112 -30.71 -24.28 15.86
N THR B 113 -29.98 -25.34 16.21
CA THR B 113 -28.67 -25.65 15.72
C THR B 113 -28.64 -25.86 14.20
N LYS B 114 -29.69 -26.46 13.63
CA LYS B 114 -29.74 -26.50 12.18
C LYS B 114 -29.96 -25.13 11.55
N LEU B 115 -30.83 -24.30 12.16
CA LEU B 115 -30.92 -22.88 11.68
C LEU B 115 -29.58 -22.19 11.82
N GLU B 116 -28.96 -22.25 12.97
CA GLU B 116 -27.72 -21.54 13.15
C GLU B 116 -26.63 -22.09 12.21
N GLN B 117 -26.59 -23.40 12.02
CA GLN B 117 -25.61 -23.94 11.09
C GLN B 117 -25.85 -23.29 9.69
N GLU B 118 -27.08 -23.25 9.20
CA GLU B 118 -27.38 -22.63 7.91
C GLU B 118 -26.99 -21.12 7.92
N LEU B 119 -27.37 -20.39 8.97
CA LEU B 119 -26.98 -18.97 9.08
C LEU B 119 -25.44 -18.74 8.98
N ARG B 120 -24.71 -19.53 9.73
CA ARG B 120 -23.26 -19.29 9.77
C ARG B 120 -22.67 -19.63 8.40
N ALA B 121 -23.19 -20.64 7.75
CA ALA B 121 -22.63 -21.00 6.43
C ALA B 121 -22.93 -19.87 5.43
N GLN B 122 -24.15 -19.37 5.46
CA GLN B 122 -24.55 -18.21 4.67
C GLN B 122 -23.75 -16.96 4.96
N ALA B 123 -23.62 -16.61 6.23
CA ALA B 123 -22.74 -15.50 6.57
C ALA B 123 -21.37 -15.69 5.96
N SER B 124 -20.91 -16.93 5.94
CA SER B 124 -19.53 -17.17 5.53
C SER B 124 -19.44 -17.02 4.04
N ASP B 125 -20.46 -17.47 3.33
CA ASP B 125 -20.59 -17.23 1.92
C ASP B 125 -20.58 -15.69 1.53
N ASN B 126 -21.22 -14.84 2.33
CA ASN B 126 -21.32 -13.40 2.01
C ASN B 126 -19.96 -12.72 2.24
N ARG B 127 -19.25 -13.10 3.32
CA ARG B 127 -17.86 -12.69 3.49
C ARG B 127 -17.05 -13.03 2.23
N GLU B 128 -17.32 -14.16 1.56
CA GLU B 128 -16.59 -14.49 0.34
C GLU B 128 -16.87 -13.50 -0.79
N ILE B 129 -18.14 -13.12 -0.92
CA ILE B 129 -18.56 -12.09 -1.88
C ILE B 129 -17.88 -10.73 -1.65
N ASP B 130 -17.84 -10.32 -0.39
CA ASP B 130 -17.14 -9.13 0.05
C ASP B 130 -15.64 -9.19 -0.33
N LYS B 131 -15.01 -10.34 -0.11
CA LYS B 131 -13.64 -10.51 -0.61
C LYS B 131 -13.55 -10.37 -2.11
N ARG B 132 -14.49 -10.95 -2.86
CA ARG B 132 -14.42 -10.87 -4.32
C ARG B 132 -14.53 -9.39 -4.73
N MET B 133 -15.52 -8.68 -4.26
CA MET B 133 -15.58 -7.26 -4.51
C MET B 133 -14.30 -6.55 -4.15
N ASN B 134 -13.86 -6.67 -2.91
CA ASN B 134 -12.64 -6.02 -2.45
C ASN B 134 -11.44 -6.30 -3.35
N SER B 135 -11.52 -7.40 -4.09
CA SER B 135 -10.47 -7.82 -4.97
C SER B 135 -10.54 -7.13 -6.33
N LEU B 136 -11.71 -6.63 -6.65
CA LEU B 136 -11.96 -5.97 -7.93
C LEU B 136 -11.51 -4.52 -7.87
N LYS B 137 -11.44 -3.97 -6.67
CA LYS B 137 -11.18 -2.55 -6.48
C LYS B 137 -9.88 -2.07 -7.18
N PRO B 138 -8.75 -2.75 -6.93
CA PRO B 138 -7.52 -2.26 -7.53
C PRO B 138 -7.58 -2.24 -9.06
N ASP B 139 -8.25 -3.21 -9.68
CA ASP B 139 -8.34 -3.14 -11.12
C ASP B 139 -9.32 -2.04 -11.55
N LEU B 140 -10.39 -1.84 -10.77
CA LEU B 140 -11.37 -0.82 -11.06
C LEU B 140 -10.72 0.54 -11.02
N MET B 141 -10.04 0.82 -9.92
CA MET B 141 -9.28 2.05 -9.72
C MET B 141 -8.27 2.29 -10.83
N GLN B 142 -7.46 1.30 -11.17
CA GLN B 142 -6.39 1.48 -12.17
C GLN B 142 -7.00 1.85 -13.51
N LEU B 143 -8.03 1.13 -13.87
CA LEU B 143 -8.71 1.23 -15.12
C LEU B 143 -9.40 2.62 -15.29
N ARG B 144 -10.10 3.05 -14.28
CA ARG B 144 -10.75 4.34 -14.30
C ARG B 144 -9.71 5.47 -14.54
N LYS B 145 -8.63 5.40 -13.76
CA LYS B 145 -7.59 6.38 -13.80
C LYS B 145 -7.00 6.39 -15.19
N ILE B 146 -6.66 5.17 -15.68
CA ILE B 146 -6.03 5.09 -17.00
C ILE B 146 -7.04 5.53 -18.11
N ARG B 147 -8.31 5.17 -17.99
CA ARG B 147 -9.28 5.62 -18.94
C ARG B 147 -9.34 7.23 -18.89
N ASP B 148 -9.26 7.84 -17.69
CA ASP B 148 -9.27 9.29 -17.54
C ASP B 148 -7.99 9.92 -18.15
N GLN B 149 -6.85 9.25 -18.04
CA GLN B 149 -5.62 9.84 -18.66
C GLN B 149 -5.66 9.92 -20.19
N TYR B 150 -6.27 8.89 -20.80
CA TYR B 150 -6.42 8.84 -22.26
C TYR B 150 -7.36 9.97 -22.69
N LEU B 151 -8.47 10.10 -21.97
CA LEU B 151 -9.41 11.17 -22.22
C LEU B 151 -8.67 12.54 -22.12
N VAL B 152 -7.94 12.78 -21.05
CA VAL B 152 -7.21 14.06 -20.95
C VAL B 152 -6.20 14.22 -22.08
N TRP B 153 -5.58 13.13 -22.53
CA TRP B 153 -4.53 13.30 -23.54
C TRP B 153 -5.27 13.74 -24.80
N LEU B 154 -6.44 13.15 -25.05
CA LEU B 154 -7.22 13.53 -26.25
C LEU B 154 -7.75 14.98 -26.21
N THR B 155 -8.39 15.40 -25.14
CA THR B 155 -8.61 16.82 -24.94
C THR B 155 -7.36 17.72 -25.20
N GLN B 156 -6.27 17.40 -24.57
CA GLN B 156 -5.06 18.18 -24.81
C GLN B 156 -4.61 18.20 -26.26
N LYS B 157 -5.01 17.23 -27.08
CA LYS B 157 -4.55 17.21 -28.45
C LYS B 157 -5.63 17.77 -29.34
N GLY B 158 -6.70 18.29 -28.76
CA GLY B 158 -7.66 19.04 -29.54
C GLY B 158 -8.98 18.35 -29.72
N ALA B 159 -9.20 17.20 -29.07
CA ALA B 159 -10.49 16.56 -29.24
C ALA B 159 -11.63 17.27 -28.49
N ARG B 160 -12.74 17.43 -29.19
CA ARG B 160 -13.90 18.10 -28.67
C ARG B 160 -14.71 17.05 -27.93
N GLN B 161 -15.60 17.50 -27.05
CA GLN B 161 -16.43 16.60 -26.30
C GLN B 161 -17.23 15.60 -27.16
N LYS B 162 -17.71 16.06 -28.32
CA LYS B 162 -18.52 15.19 -29.15
C LYS B 162 -17.68 14.00 -29.66
N LYS B 163 -16.44 14.26 -30.06
CA LYS B 163 -15.55 13.21 -30.50
C LYS B 163 -15.15 12.29 -29.29
N ILE B 164 -14.87 12.89 -28.12
CA ILE B 164 -14.62 12.09 -26.96
C ILE B 164 -15.76 11.11 -26.67
N ASN B 165 -16.98 11.64 -26.64
CA ASN B 165 -18.19 10.89 -26.46
C ASN B 165 -18.37 9.75 -27.47
N GLU B 166 -17.91 9.93 -28.69
CA GLU B 166 -18.03 8.88 -29.69
C GLU B 166 -17.07 7.71 -29.42
N TRP B 167 -15.86 8.02 -29.00
CA TRP B 167 -14.90 7.03 -28.57
C TRP B 167 -15.34 6.28 -27.31
N LEU B 168 -16.02 6.97 -26.44
CA LEU B 168 -16.52 6.38 -25.22
C LEU B 168 -17.68 5.46 -25.54
N GLY B 169 -18.28 5.67 -26.70
CA GLY B 169 -19.55 5.05 -27.02
C GLY B 169 -20.73 5.68 -26.31
N ILE B 170 -20.60 6.91 -25.81
CA ILE B 170 -21.76 7.67 -25.28
C ILE B 170 -22.06 8.96 -26.05
N VAL C 18 3.02 -5.92 2.21
CA VAL C 18 3.53 -5.14 3.34
C VAL C 18 3.32 -3.65 3.13
N PRO C 19 4.22 -3.03 2.37
CA PRO C 19 4.12 -1.59 2.08
C PRO C 19 3.20 -1.44 0.88
N ALA C 20 2.15 -0.66 0.99
CA ALA C 20 1.22 -0.60 -0.13
C ALA C 20 2.00 -0.58 -1.45
N SER C 21 3.06 0.24 -1.50
CA SER C 21 3.82 0.54 -2.72
C SER C 21 5.32 0.20 -2.67
N ARG C 22 5.87 -0.24 -3.82
CA ARG C 22 7.30 -0.22 -4.03
C ARG C 22 7.77 -0.19 -5.49
N TYR C 23 9.05 0.10 -5.66
CA TYR C 23 9.53 0.24 -6.96
C TYR C 23 10.68 -0.78 -7.06
N LEU C 24 10.45 -1.86 -7.82
CA LEU C 24 11.47 -2.90 -8.03
C LEU C 24 12.35 -2.65 -9.23
N THR C 25 13.66 -2.83 -9.08
CA THR C 25 14.53 -2.62 -10.20
C THR C 25 15.47 -3.79 -10.42
N ASP C 26 15.21 -4.63 -11.44
CA ASP C 26 16.20 -5.68 -11.78
C ASP C 26 17.46 -5.12 -12.44
N MET C 27 17.33 -3.99 -13.15
CA MET C 27 18.37 -3.52 -14.06
C MET C 27 19.12 -2.34 -13.43
N THR C 28 20.39 -2.21 -13.78
CA THR C 28 21.19 -1.03 -13.39
C THR C 28 20.86 0.03 -14.42
N LEU C 29 21.26 1.28 -14.17
CA LEU C 29 21.10 2.35 -15.14
C LEU C 29 21.88 2.10 -16.45
N GLU C 30 23.05 1.50 -16.34
CA GLU C 30 23.87 1.14 -17.48
C GLU C 30 23.03 0.16 -18.38
N GLU C 31 22.41 -0.82 -17.76
CA GLU C 31 21.53 -1.73 -18.49
C GLU C 31 20.33 -1.10 -19.19
N MET C 32 19.67 -0.15 -18.54
CA MET C 32 18.48 0.51 -19.09
C MET C 32 18.83 1.39 -20.30
N SER C 33 20.00 2.02 -20.23
CA SER C 33 20.41 2.98 -21.24
C SER C 33 21.37 2.45 -22.32
N ARG C 34 21.90 1.25 -22.13
CA ARG C 34 22.86 0.74 -23.11
C ARG C 34 22.29 0.70 -24.50
N ASP C 35 22.98 1.21 -25.49
CA ASP C 35 22.67 0.94 -26.89
C ASP C 35 22.77 -0.58 -27.16
N TRP C 36 21.84 -1.07 -27.95
CA TRP C 36 21.86 -2.48 -28.34
C TRP C 36 21.44 -2.65 -29.79
N SER C 37 21.41 -3.91 -30.21
CA SER C 37 21.26 -4.33 -31.60
C SER C 37 20.30 -5.47 -31.79
N MET C 38 19.60 -5.44 -32.86
CA MET C 38 18.84 -6.63 -33.24
C MET C 38 19.30 -7.05 -34.67
N LEU C 39 20.00 -8.18 -34.80
CA LEU C 39 20.45 -8.62 -36.15
C LEU C 39 19.26 -8.64 -37.10
N ILE C 40 18.18 -9.29 -36.68
CA ILE C 40 16.93 -9.31 -37.45
C ILE C 40 15.81 -8.77 -36.60
N PRO C 41 15.52 -7.50 -36.76
CA PRO C 41 14.54 -6.84 -35.89
C PRO C 41 13.10 -7.38 -36.00
N LYS C 42 12.48 -7.65 -34.87
CA LYS C 42 11.05 -7.87 -34.87
C LYS C 42 10.38 -6.93 -33.78
N GLN C 43 9.39 -6.14 -34.19
CA GLN C 43 8.76 -5.17 -33.32
C GLN C 43 7.30 -5.46 -33.39
N LYS C 44 6.62 -5.26 -32.28
CA LYS C 44 5.19 -5.36 -32.25
C LYS C 44 4.68 -4.40 -31.16
N VAL C 45 3.58 -3.73 -31.48
CA VAL C 45 2.91 -2.83 -30.56
C VAL C 45 1.73 -3.60 -30.00
N ALA C 46 1.67 -3.75 -28.70
CA ALA C 46 0.67 -4.59 -28.08
C ALA C 46 -0.06 -3.75 -26.96
N GLY C 47 -1.19 -3.17 -27.36
CA GLY C 47 -1.83 -2.09 -26.58
C GLY C 47 -0.86 -0.94 -26.58
N PRO C 48 -0.69 -0.33 -25.44
CA PRO C 48 0.20 0.81 -25.42
C PRO C 48 1.62 0.40 -25.19
N LEU C 49 1.95 -0.87 -25.32
CA LEU C 49 3.37 -1.26 -25.07
C LEU C 49 4.06 -1.63 -26.34
N CYS C 50 5.38 -1.48 -26.37
CA CYS C 50 6.15 -1.81 -27.55
C CYS C 50 7.09 -2.99 -27.23
N ILE C 51 6.96 -4.06 -28.01
CA ILE C 51 7.73 -5.31 -27.84
C ILE C 51 8.68 -5.36 -29.02
N ARG C 52 9.97 -5.47 -28.72
CA ARG C 52 10.98 -5.68 -29.72
C ARG C 52 11.77 -6.93 -29.38
N MET C 53 12.20 -7.70 -30.38
CA MET C 53 13.09 -8.87 -30.13
C MET C 53 14.00 -9.15 -31.35
N ASP C 54 15.22 -9.64 -31.14
CA ASP C 54 16.09 -10.06 -32.28
C ASP C 54 15.60 -11.44 -32.78
N GLN C 55 14.96 -11.48 -33.93
CA GLN C 55 14.62 -12.77 -34.55
C GLN C 55 15.84 -13.75 -34.75
N ALA C 56 17.07 -13.24 -34.78
CA ALA C 56 18.27 -14.07 -35.09
C ALA C 56 18.83 -14.83 -33.93
N ILE C 57 18.33 -14.57 -32.71
CA ILE C 57 18.81 -15.22 -31.49
C ILE C 57 18.14 -16.56 -31.35
N MET C 58 18.94 -17.64 -31.20
CA MET C 58 18.43 -19.04 -31.20
C MET C 58 19.20 -19.85 -30.22
N ASP C 59 18.56 -20.79 -29.55
CA ASP C 59 19.25 -21.79 -28.75
C ASP C 59 19.90 -21.28 -27.47
N LYS C 60 19.43 -20.14 -26.99
CA LYS C 60 20.08 -19.43 -25.91
C LYS C 60 19.26 -19.50 -24.62
N ASN C 61 19.94 -19.45 -23.48
CA ASN C 61 19.21 -19.15 -22.27
C ASN C 61 19.00 -17.63 -22.18
N ILE C 62 17.74 -17.21 -22.01
CA ILE C 62 17.43 -15.81 -21.87
C ILE C 62 16.74 -15.46 -20.53
N ILE C 63 17.24 -14.41 -19.87
CA ILE C 63 16.59 -13.88 -18.67
C ILE C 63 15.90 -12.49 -18.89
N LEU C 64 14.64 -12.37 -18.48
CA LEU C 64 13.86 -11.12 -18.64
C LEU C 64 14.02 -10.35 -17.31
N LYS C 65 14.64 -9.18 -17.41
CA LYS C 65 14.80 -8.33 -16.23
C LYS C 65 13.95 -7.05 -16.37
N ALA C 66 13.30 -6.63 -15.29
CA ALA C 66 12.40 -5.49 -15.35
C ALA C 66 12.55 -4.51 -14.20
N ASN C 67 12.15 -3.28 -14.48
CA ASN C 67 11.89 -2.28 -13.48
C ASN C 67 10.39 -1.98 -13.54
N PHE C 68 9.72 -2.14 -12.39
CA PHE C 68 8.31 -1.93 -12.34
C PHE C 68 7.86 -1.58 -10.92
N SER C 69 6.74 -0.88 -10.82
CA SER C 69 6.18 -0.59 -9.57
C SER C 69 5.08 -1.56 -9.23
N VAL C 70 4.83 -1.58 -7.93
CA VAL C 70 3.94 -2.53 -7.32
C VAL C 70 3.04 -1.77 -6.35
N ILE C 71 1.74 -2.00 -6.46
CA ILE C 71 0.81 -1.45 -5.48
C ILE C 71 0.03 -2.59 -4.95
N PHE C 72 -0.21 -2.55 -3.65
CA PHE C 72 -0.80 -3.69 -3.00
C PHE C 72 0.26 -4.80 -3.01
N ASP C 73 -0.06 -5.92 -3.64
CA ASP C 73 0.83 -7.10 -3.67
C ASP C 73 0.93 -7.38 -5.18
N ARG C 74 0.53 -6.36 -5.96
CA ARG C 74 0.35 -6.58 -7.40
C ARG C 74 1.12 -5.58 -8.28
N LEU C 75 1.71 -6.11 -9.35
CA LEU C 75 2.35 -5.30 -10.37
C LEU C 75 1.45 -4.18 -10.84
N GLU C 76 1.96 -2.97 -10.99
CA GLU C 76 1.07 -1.84 -11.31
C GLU C 76 1.40 -1.20 -12.66
N THR C 77 2.65 -0.79 -12.78
CA THR C 77 3.17 -0.10 -13.89
C THR C 77 4.55 -0.70 -14.22
N LEU C 78 4.77 -0.98 -15.53
CA LEU C 78 6.11 -1.34 -16.01
C LEU C 78 6.92 -0.08 -16.35
N ILE C 79 8.19 0.01 -15.99
CA ILE C 79 8.98 1.16 -16.42
C ILE C 79 9.83 0.70 -17.61
N LEU C 80 10.49 -0.46 -17.46
CA LEU C 80 11.16 -1.07 -18.57
C LEU C 80 11.43 -2.59 -18.35
N LEU C 81 11.43 -3.39 -19.44
CA LEU C 81 11.87 -4.81 -19.38
C LEU C 81 12.86 -4.99 -20.51
N ARG C 82 14.03 -5.56 -20.25
CA ARG C 82 14.92 -6.01 -21.29
C ARG C 82 15.20 -7.54 -21.18
N ALA C 83 15.45 -8.16 -22.33
CA ALA C 83 15.82 -9.57 -22.38
C ALA C 83 17.34 -9.63 -22.48
N PHE C 84 17.96 -10.55 -21.75
CA PHE C 84 19.44 -10.57 -21.67
C PHE C 84 19.92 -12.01 -21.92
N THR C 85 20.92 -12.21 -22.75
CA THR C 85 21.50 -13.57 -22.89
C THR C 85 22.25 -13.84 -21.62
N GLU C 86 22.70 -15.09 -21.41
CA GLU C 86 23.50 -15.55 -20.28
C GLU C 86 24.76 -14.72 -20.16
N GLU C 87 25.20 -14.17 -21.28
CA GLU C 87 26.41 -13.31 -21.26
C GLU C 87 26.11 -11.81 -21.04
N GLY C 88 24.85 -11.45 -20.76
CA GLY C 88 24.48 -10.03 -20.55
C GLY C 88 24.24 -9.25 -21.84
N ALA C 89 24.06 -9.94 -22.97
CA ALA C 89 23.74 -9.23 -24.22
C ALA C 89 22.23 -9.00 -24.25
N ILE C 90 21.82 -7.84 -24.77
CA ILE C 90 20.42 -7.47 -24.81
C ILE C 90 19.86 -7.89 -26.15
N VAL C 91 18.73 -8.55 -26.15
CA VAL C 91 18.24 -9.05 -27.41
C VAL C 91 16.73 -8.79 -27.52
N GLY C 92 16.16 -8.10 -26.55
CA GLY C 92 14.72 -7.81 -26.61
C GLY C 92 14.31 -6.75 -25.61
N GLU C 93 13.07 -6.27 -25.71
CA GLU C 93 12.67 -5.15 -24.85
C GLU C 93 11.20 -5.02 -24.84
N ILE C 94 10.66 -4.66 -23.68
CA ILE C 94 9.28 -4.17 -23.56
C ILE C 94 9.34 -2.75 -22.90
N SER C 95 8.63 -1.79 -23.49
CA SER C 95 8.69 -0.43 -23.05
C SER C 95 7.39 0.22 -23.37
N PRO C 96 7.06 1.30 -22.62
CA PRO C 96 5.87 2.12 -22.88
C PRO C 96 6.14 2.89 -24.13
N LEU C 97 5.18 3.18 -24.94
CA LEU C 97 5.42 4.07 -26.05
C LEU C 97 5.29 5.57 -25.58
N PRO C 98 6.24 6.42 -25.94
CA PRO C 98 6.13 7.85 -25.56
C PRO C 98 4.86 8.55 -26.04
N SER C 99 4.27 8.06 -27.10
CA SER C 99 3.03 8.66 -27.63
C SER C 99 1.73 8.02 -27.10
N LEU C 100 1.80 7.44 -25.91
CA LEU C 100 0.59 6.90 -25.33
C LEU C 100 0.56 7.24 -23.86
N PRO C 101 -0.60 7.66 -23.39
CA PRO C 101 -0.86 7.71 -21.96
C PRO C 101 -0.53 6.32 -21.49
N GLY C 102 -0.51 6.03 -20.19
CA GLY C 102 -0.08 4.74 -19.67
C GLY C 102 -0.90 3.49 -19.95
N HIS C 103 -0.41 2.37 -19.40
CA HIS C 103 -0.99 1.03 -19.55
C HIS C 103 -1.47 0.47 -18.21
N THR C 104 -2.13 -0.65 -18.29
CA THR C 104 -2.55 -1.41 -17.12
C THR C 104 -1.60 -2.60 -16.94
N ALA C 105 -1.71 -3.24 -15.76
CA ALA C 105 -0.91 -4.37 -15.32
C ALA C 105 -1.19 -5.53 -16.26
N GLU C 106 -2.42 -5.65 -16.72
CA GLU C 106 -2.82 -6.63 -17.68
C GLU C 106 -2.15 -6.44 -19.04
N ASP C 107 -1.96 -5.17 -19.47
CA ASP C 107 -1.24 -4.93 -20.68
C ASP C 107 0.17 -5.50 -20.50
N VAL C 108 0.72 -5.33 -19.31
CA VAL C 108 2.05 -5.83 -19.08
C VAL C 108 2.17 -7.38 -19.19
N LYS C 109 1.34 -8.11 -18.44
CA LYS C 109 1.16 -9.57 -18.53
C LYS C 109 1.02 -10.06 -19.94
N ASN C 110 0.28 -9.37 -20.77
CA ASN C 110 0.03 -9.78 -22.10
C ASN C 110 1.28 -9.67 -22.89
N ALA C 111 2.03 -8.62 -22.65
CA ALA C 111 3.17 -8.40 -23.48
C ALA C 111 4.31 -9.35 -23.08
N VAL C 112 4.47 -9.63 -21.81
CA VAL C 112 5.47 -10.53 -21.35
C VAL C 112 5.22 -11.95 -22.03
N GLY C 113 3.98 -12.41 -22.03
CA GLY C 113 3.55 -13.62 -22.71
C GLY C 113 3.94 -13.61 -24.16
N VAL C 114 3.63 -12.55 -24.87
CA VAL C 114 3.97 -12.42 -26.24
C VAL C 114 5.48 -12.51 -26.53
N LEU C 115 6.31 -11.82 -25.70
CA LEU C 115 7.73 -11.82 -25.90
C LEU C 115 8.34 -13.21 -25.63
N ILE C 116 7.99 -13.84 -24.52
CA ILE C 116 8.40 -15.17 -24.17
C ILE C 116 8.05 -16.21 -25.30
N GLY C 117 6.81 -16.14 -25.78
CA GLY C 117 6.41 -16.88 -26.97
C GLY C 117 7.34 -16.70 -28.17
N GLY C 118 7.53 -15.45 -28.62
CA GLY C 118 8.37 -15.21 -29.77
C GLY C 118 9.82 -15.71 -29.59
N LEU C 119 10.38 -15.56 -28.38
CA LEU C 119 11.70 -16.05 -28.05
C LEU C 119 11.69 -17.62 -28.07
N GLU C 120 10.58 -18.23 -27.66
CA GLU C 120 10.52 -19.71 -27.66
C GLU C 120 10.38 -20.29 -29.09
N TRP C 121 9.83 -19.56 -30.02
CA TRP C 121 9.67 -20.03 -31.35
C TRP C 121 11.03 -20.27 -31.95
N ASN C 122 12.00 -19.50 -31.51
CA ASN C 122 13.33 -19.64 -31.94
C ASN C 122 14.12 -20.49 -30.98
N ASP C 123 13.47 -21.36 -30.24
CA ASP C 123 14.26 -22.41 -29.54
C ASP C 123 15.01 -21.85 -28.35
N ASN C 124 14.60 -20.71 -27.83
CA ASN C 124 15.29 -20.13 -26.69
C ASN C 124 14.69 -20.62 -25.40
N THR C 125 15.51 -20.76 -24.37
CA THR C 125 14.95 -21.08 -23.09
C THR C 125 14.81 -19.76 -22.26
N VAL C 126 13.58 -19.44 -21.87
CA VAL C 126 13.30 -18.10 -21.33
C VAL C 126 12.92 -18.19 -19.88
N ARG C 127 13.71 -17.55 -19.03
CA ARG C 127 13.24 -17.32 -17.68
C ARG C 127 13.03 -15.82 -17.32
N VAL C 128 12.24 -15.59 -16.28
CA VAL C 128 11.95 -14.26 -15.76
C VAL C 128 12.62 -14.11 -14.41
N SER C 129 12.88 -12.87 -14.04
CA SER C 129 13.57 -12.58 -12.77
C SER C 129 12.71 -13.00 -11.59
N GLU C 130 13.31 -13.08 -10.40
CA GLU C 130 12.54 -13.39 -9.16
C GLU C 130 11.39 -12.42 -8.95
N THR C 131 11.69 -11.17 -9.20
CA THR C 131 10.72 -10.14 -9.00
C THR C 131 9.51 -10.25 -9.92
N LEU C 132 9.73 -10.49 -11.19
CA LEU C 132 8.59 -10.78 -12.08
C LEU C 132 7.81 -12.03 -11.72
N GLN C 133 8.50 -13.10 -11.35
CA GLN C 133 7.79 -14.31 -10.93
C GLN C 133 6.81 -13.99 -9.78
N ARG C 134 7.32 -13.32 -8.75
CA ARG C 134 6.52 -12.83 -7.63
C ARG C 134 5.30 -11.99 -8.07
N PHE C 135 5.44 -11.06 -9.02
CA PHE C 135 4.36 -10.08 -9.28
C PHE C 135 3.65 -10.12 -10.65
N ALA C 136 4.25 -10.78 -11.63
CA ALA C 136 3.50 -11.17 -12.83
C ALA C 136 2.98 -12.61 -12.66
N LYS D 8 11.41 20.01 -31.90
CA LYS D 8 10.78 18.64 -31.85
C LYS D 8 11.72 17.56 -31.26
N GLU D 9 13.02 17.65 -31.54
CA GLU D 9 14.09 17.05 -30.69
C GLU D 9 14.66 18.20 -29.82
N ASP D 10 13.94 19.32 -29.81
CA ASP D 10 14.18 20.40 -28.86
C ASP D 10 13.42 20.08 -27.56
N SER D 11 12.32 19.34 -27.72
CA SER D 11 11.65 18.64 -26.64
C SER D 11 12.59 17.64 -25.98
N VAL D 12 13.33 16.92 -26.81
CA VAL D 12 14.25 15.94 -26.31
C VAL D 12 15.22 16.62 -25.33
N GLU D 13 15.66 17.84 -25.64
CA GLU D 13 16.56 18.62 -24.78
C GLU D 13 15.93 19.08 -23.44
N ALA D 14 14.69 19.55 -23.49
CA ALA D 14 14.00 19.87 -22.25
C ALA D 14 13.89 18.64 -21.33
N VAL D 15 13.39 17.52 -21.87
CA VAL D 15 13.22 16.30 -21.06
C VAL D 15 14.56 15.88 -20.56
N GLY D 16 15.57 15.90 -21.42
CA GLY D 16 16.94 15.71 -21.01
C GLY D 16 17.19 16.53 -19.75
N ALA D 17 16.96 17.86 -19.80
CA ALA D 17 17.32 18.73 -18.66
C ALA D 17 16.51 18.29 -17.48
N GLN D 18 15.20 18.15 -17.71
CA GLN D 18 14.22 17.74 -16.73
C GLN D 18 14.56 16.40 -16.14
N LEU D 19 15.26 15.53 -16.88
CA LEU D 19 15.83 14.27 -16.34
C LEU D 19 16.91 14.62 -15.35
N LYS D 20 17.82 15.52 -15.76
CA LYS D 20 18.91 16.00 -14.87
C LYS D 20 18.39 16.56 -13.53
N VAL D 21 17.25 17.24 -13.53
CA VAL D 21 16.64 17.70 -12.26
C VAL D 21 16.28 16.57 -11.28
N TYR D 22 15.37 15.67 -11.73
CA TYR D 22 14.95 14.52 -10.99
C TYR D 22 16.15 13.68 -10.67
N HIS D 23 17.16 13.65 -11.54
CA HIS D 23 18.23 12.71 -11.21
C HIS D 23 18.86 13.31 -9.99
N GLN D 24 19.16 14.61 -10.06
CA GLN D 24 19.75 15.34 -8.92
C GLN D 24 18.89 15.31 -7.65
N GLN D 25 17.62 15.65 -7.78
CA GLN D 25 16.71 15.50 -6.68
C GLN D 25 16.95 14.12 -6.07
N TYR D 26 17.13 13.08 -6.92
CA TYR D 26 17.42 11.69 -6.40
C TYR D 26 18.76 11.39 -5.81
N GLN D 27 19.84 11.95 -6.31
CA GLN D 27 21.12 11.60 -5.68
C GLN D 27 21.19 12.25 -4.29
N ASP D 28 20.62 13.45 -4.16
CA ASP D 28 20.61 14.16 -2.89
C ASP D 28 19.76 13.39 -1.86
N LYS D 29 18.56 13.03 -2.26
CA LYS D 29 17.67 12.28 -1.39
C LYS D 29 18.33 10.98 -0.96
N SER D 30 19.05 10.34 -1.87
CA SER D 30 19.77 9.12 -1.58
C SER D 30 20.91 9.39 -0.61
N ARG D 31 21.60 10.51 -0.80
CA ARG D 31 22.70 10.91 0.08
C ARG D 31 22.22 10.96 1.55
N GLU D 32 21.21 11.79 1.77
CA GLU D 32 20.53 11.92 3.05
C GLU D 32 20.26 10.52 3.60
N TYR D 33 19.58 9.69 2.82
CA TYR D 33 19.25 8.34 3.28
C TYR D 33 20.43 7.48 3.72
N ASP D 34 21.53 7.52 2.99
CA ASP D 34 22.72 6.71 3.29
C ASP D 34 23.45 7.21 4.52
N GLN D 35 23.47 8.53 4.70
CA GLN D 35 23.96 9.11 5.93
C GLN D 35 23.28 8.38 7.10
N LEU D 36 21.94 8.44 7.14
CA LEU D 36 21.17 7.83 8.23
C LEU D 36 21.50 6.36 8.38
N TYR D 37 21.59 5.65 7.28
CA TYR D 37 21.95 4.25 7.34
C TYR D 37 23.23 4.03 8.11
N GLU D 38 24.26 4.83 7.82
CA GLU D 38 25.59 4.62 8.41
C GLU D 38 25.49 4.81 9.93
N GLU D 39 25.04 6.01 10.30
CA GLU D 39 24.65 6.39 11.68
C GLU D 39 23.91 5.27 12.39
N TYR D 40 22.84 4.74 11.79
CA TYR D 40 22.13 3.61 12.39
C TYR D 40 23.02 2.41 12.73
N THR D 41 23.73 1.87 11.75
CA THR D 41 24.50 0.66 11.94
C THR D 41 25.66 0.93 12.90
N ARG D 42 26.22 2.13 12.81
CA ARG D 42 27.21 2.59 13.78
C ARG D 42 26.66 2.44 15.22
N THR D 43 25.54 3.09 15.51
CA THR D 43 25.05 3.11 16.88
C THR D 43 24.59 1.72 17.24
N SER D 44 24.16 0.97 16.25
CA SER D 44 23.66 -0.37 16.55
C SER D 44 24.71 -1.31 17.13
N GLN D 45 25.97 -1.14 16.70
CA GLN D 45 27.08 -1.90 17.24
C GLN D 45 27.40 -1.46 18.70
N GLU D 46 27.57 -0.16 18.90
CA GLU D 46 27.65 0.45 20.24
C GLU D 46 26.59 -0.13 21.20
N LEU D 47 25.38 -0.39 20.69
CA LEU D 47 24.34 -0.99 21.53
C LEU D 47 24.74 -2.38 22.00
N GLN D 48 25.41 -3.13 21.12
CA GLN D 48 25.87 -4.50 21.43
C GLN D 48 27.01 -4.45 22.42
N MET D 49 27.87 -3.43 22.27
CA MET D 49 28.95 -3.19 23.21
C MET D 49 28.43 -2.91 24.61
N LYS D 50 27.49 -1.98 24.72
CA LYS D 50 26.94 -1.59 26.03
C LYS D 50 26.19 -2.74 26.72
N ARG D 51 25.51 -3.53 25.89
CA ARG D 51 24.78 -4.67 26.33
C ARG D 51 25.74 -5.71 26.88
N THR D 52 26.86 -5.91 26.21
CA THR D 52 27.77 -6.88 26.71
C THR D 52 28.36 -6.37 28.01
N ALA D 53 28.80 -5.13 28.05
CA ALA D 53 29.14 -4.49 29.34
C ALA D 53 28.08 -4.74 30.44
N ILE D 54 26.79 -4.64 30.11
CA ILE D 54 25.75 -4.91 31.13
C ILE D 54 25.78 -6.35 31.64
N GLU D 55 25.98 -7.31 30.72
CA GLU D 55 26.19 -8.73 31.06
C GLU D 55 27.23 -8.93 32.15
N ALA D 56 28.26 -8.10 32.06
CA ALA D 56 29.47 -8.24 32.82
C ALA D 56 29.18 -7.66 34.16
N PHE D 57 28.58 -6.46 34.20
CA PHE D 57 28.06 -5.99 35.47
C PHE D 57 27.25 -7.09 36.13
N ASN D 58 26.25 -7.63 35.40
CA ASN D 58 25.29 -8.54 36.00
C ASN D 58 25.92 -9.81 36.56
N GLU D 59 26.88 -10.40 35.88
CA GLU D 59 27.65 -11.49 36.50
C GLU D 59 28.22 -11.15 37.91
N THR D 60 28.91 -10.02 38.01
CA THR D 60 29.58 -9.61 39.22
C THR D 60 28.55 -9.32 40.31
N ILE D 61 27.48 -8.65 39.91
CA ILE D 61 26.42 -8.28 40.84
C ILE D 61 25.84 -9.57 41.40
N LYS D 62 25.67 -10.56 40.51
CA LYS D 62 25.19 -11.91 40.88
C LYS D 62 26.09 -12.47 41.96
N ILE D 63 27.40 -12.44 41.72
CA ILE D 63 28.39 -12.99 42.65
C ILE D 63 28.37 -12.26 44.00
N PHE D 64 28.30 -10.93 44.01
CA PHE D 64 28.28 -10.22 45.31
C PHE D 64 27.04 -10.57 46.12
N GLU D 65 25.92 -10.71 45.42
CA GLU D 65 24.61 -10.94 46.02
C GLU D 65 24.46 -12.35 46.63
N GLU D 66 25.13 -13.32 46.02
CA GLU D 66 25.17 -14.70 46.47
C GLU D 66 26.06 -14.86 47.68
N GLN D 67 26.47 -13.72 48.24
CA GLN D 67 27.40 -13.71 49.34
C GLN D 67 26.88 -12.79 50.44
N GLY D 68 26.00 -11.88 50.06
CA GLY D 68 25.16 -11.17 51.01
C GLY D 68 24.11 -12.13 51.51
N GLN D 69 23.96 -13.23 50.77
CA GLN D 69 23.10 -14.31 51.18
C GLN D 69 23.83 -15.24 52.14
N THR D 70 25.03 -15.71 51.76
CA THR D 70 25.74 -16.75 52.51
C THR D 70 26.32 -16.17 53.79
N GLN D 71 26.66 -14.88 53.79
CA GLN D 71 27.10 -14.21 55.01
C GLN D 71 25.97 -14.15 56.02
N GLU D 72 24.82 -13.64 55.56
CA GLU D 72 23.64 -13.44 56.40
C GLU D 72 23.07 -14.75 56.98
N LYS D 73 23.44 -15.88 56.36
CA LYS D 73 23.09 -17.21 56.90
C LYS D 73 24.14 -17.69 57.92
N SER D 74 25.42 -17.40 57.64
CA SER D 74 26.54 -17.74 58.52
C SER D 74 26.62 -16.81 59.73
N SER D 75 25.69 -15.86 59.79
CA SER D 75 25.64 -14.90 60.88
C SER D 75 24.48 -15.14 61.86
N LYS D 76 23.94 -16.36 61.85
CA LYS D 76 22.91 -16.77 62.82
C LYS D 76 23.52 -17.07 64.19
N GLU D 77 24.84 -17.22 64.22
CA GLU D 77 25.58 -17.38 65.46
C GLU D 77 26.15 -16.04 65.93
N TYR D 78 25.54 -14.96 65.48
CA TYR D 78 25.84 -13.62 65.96
C TYR D 78 24.51 -12.87 66.17
N LEU D 79 23.41 -13.60 66.00
CA LEU D 79 22.06 -13.14 66.34
C LEU D 79 21.53 -14.02 67.49
N GLU D 80 22.13 -15.19 67.63
CA GLU D 80 21.83 -16.15 68.72
C GLU D 80 22.91 -16.04 69.80
N ARG D 81 24.16 -16.14 69.38
CA ARG D 81 25.33 -15.96 70.25
C ARG D 81 25.77 -14.50 70.19
N PHE D 82 24.82 -13.61 70.39
CA PHE D 82 25.08 -12.18 70.47
C PHE D 82 24.82 -11.68 71.89
N ARG D 83 23.84 -12.29 72.57
CA ARG D 83 23.49 -11.96 73.96
C ARG D 83 24.55 -12.42 74.97
N ARG D 84 25.24 -13.52 74.66
CA ARG D 84 26.18 -14.16 75.60
C ARG D 84 27.56 -13.50 75.75
N GLU D 85 28.28 -13.32 74.63
CA GLU D 85 29.64 -12.73 74.66
C GLU D 85 29.88 -11.64 73.61
N GLY D 86 30.31 -10.47 74.08
CA GLY D 86 30.63 -9.33 73.21
C GLY D 86 29.38 -8.60 72.74
N ASN D 87 28.83 -7.79 73.63
CA ASN D 87 27.54 -7.13 73.38
C ASN D 87 27.67 -5.73 72.77
N GLU D 88 28.18 -4.78 73.55
CA GLU D 88 28.39 -3.40 73.09
C GLU D 88 29.56 -3.29 72.09
N LYS D 89 30.43 -4.29 72.08
CA LYS D 89 31.62 -4.26 71.22
C LYS D 89 31.50 -5.04 69.90
N GLU D 90 30.82 -6.19 69.92
CA GLU D 90 30.70 -7.04 68.72
C GLU D 90 29.57 -6.65 67.77
N MET D 91 29.19 -5.38 67.83
CA MET D 91 28.37 -4.71 66.84
C MET D 91 29.26 -4.09 65.76
N GLN D 92 30.41 -3.58 66.19
CA GLN D 92 31.36 -2.86 65.31
C GLN D 92 32.34 -3.82 64.60
N ARG D 93 31.98 -5.10 64.53
CA ARG D 93 32.77 -6.10 63.78
C ARG D 93 31.89 -6.83 62.75
N ILE D 94 30.57 -6.72 62.92
CA ILE D 94 29.62 -7.30 61.99
C ILE D 94 28.86 -6.21 61.24
N LEU D 95 28.81 -5.00 61.81
CA LEU D 95 28.21 -3.85 61.14
C LEU D 95 29.25 -2.92 60.50
N LEU D 96 30.45 -3.45 60.30
CA LEU D 96 31.44 -2.90 59.37
C LEU D 96 31.42 -3.83 58.17
N ASN D 97 31.29 -5.12 58.46
CA ASN D 97 31.30 -6.18 57.44
C ASN D 97 29.98 -6.37 56.70
N SER D 98 28.91 -6.68 57.45
CA SER D 98 27.59 -6.96 56.87
C SER D 98 27.00 -5.68 56.29
N GLU D 99 27.52 -4.54 56.75
CA GLU D 99 27.03 -3.24 56.31
C GLU D 99 27.58 -2.87 54.93
N ARG D 100 28.90 -2.87 54.80
CA ARG D 100 29.58 -2.47 53.57
C ARG D 100 29.56 -3.54 52.47
N LEU D 101 29.02 -4.70 52.82
CA LEU D 101 28.79 -5.78 51.89
C LEU D 101 27.64 -5.42 50.94
N LYS D 102 26.47 -5.12 51.51
CA LYS D 102 25.30 -4.75 50.72
C LYS D 102 25.39 -3.32 50.20
N SER D 103 26.36 -2.57 50.74
CA SER D 103 26.60 -1.22 50.31
C SER D 103 27.44 -1.22 49.05
N ARG D 104 28.42 -2.12 48.96
CA ARG D 104 29.20 -2.21 47.72
C ARG D 104 28.35 -2.82 46.60
N ILE D 105 27.32 -3.58 46.99
CA ILE D 105 26.22 -3.92 46.08
C ILE D 105 25.49 -2.67 45.55
N ALA D 106 25.52 -1.57 46.29
CA ALA D 106 24.83 -0.34 45.90
C ALA D 106 25.59 0.44 44.82
N GLU D 107 26.92 0.52 44.98
CA GLU D 107 27.78 1.23 44.06
C GLU D 107 27.76 0.53 42.71
N ILE D 108 27.70 -0.79 42.72
CA ILE D 108 27.72 -1.57 41.50
C ILE D 108 26.33 -1.58 40.81
N HIS D 109 25.26 -1.73 41.58
CA HIS D 109 23.91 -1.52 41.04
C HIS D 109 23.77 -0.13 40.39
N GLU D 110 24.27 0.90 41.07
CA GLU D 110 24.21 2.27 40.55
C GLU D 110 24.94 2.38 39.23
N SER D 111 26.00 1.57 39.13
CA SER D 111 26.92 1.67 38.04
C SER D 111 26.33 0.98 36.81
N ARG D 112 25.53 -0.06 37.07
CA ARG D 112 24.86 -0.78 36.04
C ARG D 112 23.62 -0.02 35.56
N THR D 113 22.91 0.66 36.46
CA THR D 113 21.70 1.36 36.04
C THR D 113 22.01 2.63 35.26
N LYS D 114 23.17 3.19 35.51
CA LYS D 114 23.64 4.34 34.77
C LYS D 114 24.01 3.87 33.35
N LEU D 115 24.46 2.63 33.24
CA LEU D 115 24.75 2.07 31.93
C LEU D 115 23.46 1.64 31.19
N GLU D 116 22.49 1.10 31.93
CA GLU D 116 21.15 0.85 31.41
C GLU D 116 20.48 2.09 30.82
N GLN D 117 20.65 3.24 31.48
CA GLN D 117 20.17 4.55 31.03
C GLN D 117 20.77 4.99 29.72
N GLU D 118 22.08 4.77 29.59
CA GLU D 118 22.78 5.13 28.37
C GLU D 118 22.34 4.23 27.22
N LEU D 119 22.21 2.95 27.50
CA LEU D 119 21.71 2.01 26.54
C LEU D 119 20.31 2.45 26.10
N ARG D 120 19.39 2.59 27.06
CA ARG D 120 18.03 2.91 26.69
C ARG D 120 17.92 4.19 25.91
N ALA D 121 18.66 5.22 26.30
CA ALA D 121 18.66 6.49 25.57
C ALA D 121 19.15 6.29 24.14
N GLN D 122 20.26 5.57 23.96
CA GLN D 122 20.79 5.35 22.63
C GLN D 122 19.84 4.51 21.78
N ALA D 123 19.23 3.49 22.38
CA ALA D 123 18.27 2.63 21.65
C ALA D 123 17.15 3.47 21.11
N SER D 124 16.70 4.40 21.94
CA SER D 124 15.63 5.31 21.56
C SER D 124 16.05 6.28 20.47
N ASP D 125 17.31 6.66 20.47
CA ASP D 125 17.78 7.46 19.38
C ASP D 125 17.88 6.68 18.03
N ASN D 126 18.22 5.38 18.10
CA ASN D 126 18.32 4.57 16.90
C ASN D 126 16.96 4.32 16.25
N ARG D 127 15.94 4.15 17.08
CA ARG D 127 14.57 3.99 16.60
C ARG D 127 14.12 5.28 15.95
N GLU D 128 14.63 6.41 16.40
CA GLU D 128 14.25 7.67 15.76
C GLU D 128 14.87 7.73 14.35
N ILE D 129 16.04 7.12 14.20
CA ILE D 129 16.73 7.14 12.93
C ILE D 129 16.02 6.22 11.95
N ASP D 130 15.78 4.98 12.36
CA ASP D 130 14.88 4.06 11.67
C ASP D 130 13.59 4.75 11.17
N LYS D 131 12.94 5.52 12.03
CA LYS D 131 11.71 6.20 11.63
C LYS D 131 12.00 7.24 10.56
N ARG D 132 13.13 7.91 10.67
CA ARG D 132 13.44 8.92 9.69
C ARG D 132 13.75 8.28 8.30
N MET D 133 14.60 7.26 8.31
CA MET D 133 14.90 6.47 7.14
C MET D 133 13.63 5.98 6.47
N ASN D 134 12.76 5.33 7.22
CA ASN D 134 11.47 4.86 6.71
C ASN D 134 10.58 5.98 6.17
N SER D 135 10.74 7.20 6.64
CA SER D 135 9.90 8.27 6.09
C SER D 135 10.54 8.89 4.82
N LEU D 136 11.73 8.46 4.46
CA LEU D 136 12.32 8.90 3.19
C LEU D 136 12.04 7.90 2.04
N LYS D 137 11.78 6.65 2.40
CA LYS D 137 11.46 5.64 1.43
C LYS D 137 10.47 6.11 0.35
N PRO D 138 9.35 6.75 0.73
CA PRO D 138 8.37 7.08 -0.31
C PRO D 138 8.83 8.08 -1.35
N ASP D 139 9.51 9.16 -0.93
CA ASP D 139 9.99 10.15 -1.88
C ASP D 139 11.16 9.53 -2.71
N LEU D 140 11.86 8.58 -2.13
CA LEU D 140 13.01 7.95 -2.75
C LEU D 140 12.52 7.03 -3.93
N MET D 141 11.54 6.17 -3.65
CA MET D 141 10.75 5.46 -4.63
C MET D 141 10.17 6.34 -5.78
N GLN D 142 9.39 7.36 -5.42
CA GLN D 142 8.71 8.18 -6.38
C GLN D 142 9.77 8.79 -7.32
N LEU D 143 10.93 9.09 -6.78
CA LEU D 143 11.92 9.81 -7.56
C LEU D 143 12.80 8.91 -8.44
N ARG D 144 13.10 7.71 -7.97
CA ARG D 144 13.85 6.79 -8.74
C ARG D 144 12.98 6.43 -9.94
N LYS D 145 11.73 6.14 -9.65
CA LYS D 145 10.74 5.78 -10.66
C LYS D 145 10.68 6.82 -11.75
N ILE D 146 10.36 8.07 -11.34
CA ILE D 146 10.19 9.15 -12.28
C ILE D 146 11.45 9.47 -13.06
N ARG D 147 12.61 9.45 -12.44
CA ARG D 147 13.81 9.63 -13.20
C ARG D 147 13.98 8.43 -14.25
N ASP D 148 13.60 7.21 -13.89
CA ASP D 148 13.77 6.04 -14.76
C ASP D 148 12.79 6.19 -15.92
N GLN D 149 11.59 6.72 -15.65
CA GLN D 149 10.63 6.97 -16.71
C GLN D 149 11.07 7.98 -17.74
N TYR D 150 11.78 9.00 -17.26
CA TYR D 150 12.37 10.02 -18.16
C TYR D 150 13.50 9.40 -19.00
N LEU D 151 14.31 8.58 -18.37
CA LEU D 151 15.38 7.93 -19.10
C LEU D 151 14.80 7.03 -20.26
N VAL D 152 13.75 6.30 -19.99
CA VAL D 152 13.25 5.34 -20.96
C VAL D 152 12.63 6.13 -22.12
N TRP D 153 11.94 7.22 -21.80
CA TRP D 153 11.26 8.06 -22.78
C TRP D 153 12.34 8.62 -23.72
N LEU D 154 13.40 9.21 -23.15
CA LEU D 154 14.58 9.61 -23.90
C LEU D 154 15.19 8.51 -24.80
N THR D 155 15.57 7.36 -24.25
CA THR D 155 15.85 6.16 -25.07
C THR D 155 14.81 5.90 -26.23
N GLN D 156 13.52 5.88 -25.91
CA GLN D 156 12.51 5.58 -26.93
C GLN D 156 12.39 6.68 -27.97
N LYS D 157 12.89 7.90 -27.67
CA LYS D 157 12.93 8.94 -28.67
C LYS D 157 14.25 8.99 -29.40
N GLY D 158 15.16 8.03 -29.23
CA GLY D 158 16.40 7.99 -30.02
C GLY D 158 17.67 8.43 -29.33
N ALA D 159 17.59 8.79 -28.04
CA ALA D 159 18.78 9.17 -27.30
C ALA D 159 19.69 7.96 -26.99
N ARG D 160 20.93 8.06 -27.39
CA ARG D 160 21.81 6.93 -27.23
C ARG D 160 22.48 7.03 -25.88
N GLN D 161 23.24 5.98 -25.50
CA GLN D 161 23.76 5.81 -24.15
C GLN D 161 24.59 7.02 -23.76
N LYS D 162 25.38 7.51 -24.68
CA LYS D 162 26.22 8.63 -24.46
C LYS D 162 25.45 9.86 -24.05
N LYS D 163 24.40 10.17 -24.76
CA LYS D 163 23.63 11.33 -24.43
C LYS D 163 23.07 11.20 -23.05
N ILE D 164 22.48 10.06 -22.79
CA ILE D 164 21.87 9.84 -21.52
C ILE D 164 22.89 9.97 -20.37
N ASN D 165 24.07 9.44 -20.55
CA ASN D 165 25.12 9.66 -19.60
C ASN D 165 25.52 11.09 -19.43
N GLU D 166 25.40 11.92 -20.46
CA GLU D 166 25.74 13.35 -20.40
C GLU D 166 24.71 14.12 -19.57
N TRP D 167 23.47 13.67 -19.61
CA TRP D 167 22.44 14.27 -18.81
C TRP D 167 22.48 13.79 -17.36
N LEU D 168 22.89 12.56 -17.14
CA LEU D 168 22.75 11.94 -15.82
C LEU D 168 23.85 12.31 -14.82
N GLY D 169 25.09 12.36 -15.30
CA GLY D 169 26.31 12.48 -14.49
C GLY D 169 27.36 11.38 -14.63
N ILE D 170 27.00 10.31 -15.34
CA ILE D 170 27.91 9.19 -15.56
C ILE D 170 27.30 7.82 -15.31
C1 GOL E . -17.47 7.34 -14.67
O1 GOL E . -17.44 6.46 -15.74
C2 GOL E . -18.88 7.93 -14.61
O2 GOL E . -19.56 7.63 -13.40
C3 GOL E . -18.88 9.42 -14.91
O3 GOL E . -19.17 10.25 -13.82
C1 GOL F . 20.05 3.67 -9.65
O1 GOL F . 20.20 4.94 -9.07
C2 GOL F . 21.35 3.25 -10.32
O2 GOL F . 22.44 3.69 -9.53
C3 GOL F . 21.39 1.73 -10.45
O3 GOL F . 22.61 1.35 -11.08
#